data_5TZK
#
_entry.id   5TZK
#
_cell.length_a   53.070
_cell.length_b   60.190
_cell.length_c   65.390
_cell.angle_alpha   90.000
_cell.angle_beta   101.510
_cell.angle_gamma   90.000
#
_symmetry.space_group_name_H-M   'P 1 21 1'
#
loop_
_entity.id
_entity.type
_entity.pdbx_description
1 polymer 'Glycosyl transferase'
2 non-polymer "URIDINE-5'-DIPHOSPHATE"
3 non-polymer 'MANGANESE (II) ION'
4 non-polymer 'SULFATE ION'
5 water water
#
_entity_poly.entity_id   1
_entity_poly.type   'polypeptide(L)'
_entity_poly.pdbx_seq_one_letter_code
;MKFSVIVPTYNSEKYITELLNSLAKQDFPKTEFEVVVVDDCSTDQTLQIVEKYRNKLNLKVSQLETNSGGPGKPRNVALK
QAEGEFVLFVDSDDYINKETLKDAAAFIDEHHSDVLLIKMKGVNGRGVPQSMFKETAPEVTLLNSRIIYTLSPTKIYRTA
LLKDNDIYFPEELKSAEDQLFTMKAYLNANRISVLSDKAYYYATKREGEHMSSAYVSPEDFYEVMRLIAVEILNADLEEA
HKDQILAEFLNRHFSFSRTNGFSLKVKLEEQPQWINALGDFIQAVPERVDALVMSKLRPLLHYARAKDIDNYRTVEESYR
QGQYYRFDIVDGKLNIQFNEGEPYFEGIDKLVPRGSAAAALEHHHHHH
;
_entity_poly.pdbx_strand_id   C
#
loop_
_chem_comp.id
_chem_comp.type
_chem_comp.name
_chem_comp.formula
MN non-polymer 'MANGANESE (II) ION' 'Mn 2'
SO4 non-polymer 'SULFATE ION' 'O4 S -2'
UDP RNA linking URIDINE-5'-DIPHOSPHATE 'C9 H14 N2 O12 P2'
#
# COMPACT_ATOMS: atom_id res chain seq x y z
N MET A 1 -13.99 -12.95 20.33
CA MET A 1 -13.69 -11.55 20.06
C MET A 1 -13.72 -11.25 18.57
N LYS A 2 -14.56 -10.28 18.19
CA LYS A 2 -14.64 -9.88 16.80
C LYS A 2 -13.33 -9.25 16.31
N PHE A 3 -12.76 -8.32 17.09
CA PHE A 3 -11.71 -7.44 16.56
C PHE A 3 -10.47 -7.40 17.44
N SER A 4 -9.30 -7.34 16.81
CA SER A 4 -8.05 -6.94 17.43
C SER A 4 -7.55 -5.69 16.72
N VAL A 5 -7.48 -4.57 17.45
CA VAL A 5 -6.95 -3.33 16.91
C VAL A 5 -5.45 -3.29 17.22
N ILE A 6 -4.63 -3.20 16.18
CA ILE A 6 -3.19 -3.39 16.29
C ILE A 6 -2.53 -2.04 16.13
N VAL A 7 -1.72 -1.66 17.11
CA VAL A 7 -1.16 -0.31 17.15
C VAL A 7 0.34 -0.35 17.37
N PRO A 8 1.14 -0.08 16.34
CA PRO A 8 2.59 0.08 16.56
C PRO A 8 2.90 1.49 17.07
N THR A 9 3.67 1.59 18.15
CA THR A 9 4.00 2.90 18.69
C THR A 9 5.49 3.14 18.71
N TYR A 10 5.87 4.42 18.63
CA TYR A 10 7.27 4.80 18.79
C TYR A 10 7.32 6.28 19.14
N ASN A 11 7.70 6.59 20.38
CA ASN A 11 7.72 7.95 20.90
C ASN A 11 6.43 8.69 20.54
N SER A 12 5.30 8.05 20.84
CA SER A 12 3.97 8.54 20.49
C SER A 12 3.30 9.27 21.65
N GLU A 13 4.08 9.71 22.63
CA GLU A 13 3.51 10.18 23.89
C GLU A 13 2.64 11.43 23.72
N LYS A 14 2.96 12.28 22.75
CA LYS A 14 2.25 13.55 22.62
C LYS A 14 0.91 13.41 21.93
N TYR A 15 0.63 12.29 21.27
CA TYR A 15 -0.59 12.18 20.50
C TYR A 15 -1.32 10.85 20.67
N ILE A 16 -0.82 9.94 21.51
CA ILE A 16 -1.40 8.60 21.56
C ILE A 16 -2.75 8.59 22.26
N THR A 17 -3.04 9.57 23.13
CA THR A 17 -4.33 9.59 23.82
C THR A 17 -5.49 9.82 22.84
N GLU A 18 -5.26 10.56 21.75
CA GLU A 18 -6.32 10.73 20.77
C GLU A 18 -6.80 9.38 20.24
N LEU A 19 -5.87 8.54 19.80
CA LEU A 19 -6.22 7.19 19.37
C LEU A 19 -6.85 6.40 20.50
N LEU A 20 -6.21 6.43 21.68
CA LEU A 20 -6.70 5.63 22.80
C LEU A 20 -8.10 6.07 23.23
N ASN A 21 -8.36 7.37 23.25
CA ASN A 21 -9.70 7.85 23.57
C ASN A 21 -10.72 7.36 22.53
N SER A 22 -10.35 7.39 21.25
CA SER A 22 -11.33 7.00 20.22
C SER A 22 -11.67 5.52 20.30
N LEU A 23 -10.73 4.69 20.77
CA LEU A 23 -10.98 3.27 20.99
C LEU A 23 -11.82 3.04 22.24
N ALA A 24 -11.53 3.78 23.31
CA ALA A 24 -12.37 3.71 24.50
C ALA A 24 -13.79 4.17 24.21
N LYS A 25 -13.96 5.11 23.29
CA LYS A 25 -15.28 5.65 22.98
C LYS A 25 -16.07 4.80 21.98
N GLN A 26 -15.54 3.64 21.55
CA GLN A 26 -16.25 2.83 20.57
C GLN A 26 -17.62 2.45 21.09
N ASP A 27 -18.64 2.68 20.28
CA ASP A 27 -20.00 2.22 20.54
C ASP A 27 -20.10 0.72 20.26
N PHE A 28 -19.35 -0.06 21.04
CA PHE A 28 -19.12 -1.49 20.80
C PHE A 28 -18.77 -2.18 22.12
N PRO A 29 -19.27 -3.38 22.36
CA PRO A 29 -19.01 -4.03 23.67
C PRO A 29 -17.53 -4.30 23.87
N LYS A 30 -17.03 -3.93 25.05
CA LYS A 30 -15.62 -4.09 25.36
C LYS A 30 -15.20 -5.55 25.27
N THR A 31 -16.09 -6.49 25.57
CA THR A 31 -15.75 -7.91 25.54
C THR A 31 -15.40 -8.40 24.13
N GLU A 32 -15.79 -7.66 23.10
CA GLU A 32 -15.72 -8.12 21.73
C GLU A 32 -14.58 -7.51 20.96
N PHE A 33 -13.68 -6.78 21.60
CA PHE A 33 -12.44 -6.37 20.95
C PHE A 33 -11.31 -6.19 21.97
N GLU A 34 -10.10 -6.30 21.45
CA GLU A 34 -8.88 -6.08 22.20
C GLU A 34 -8.05 -5.06 21.44
N VAL A 35 -7.13 -4.42 22.16
CA VAL A 35 -6.21 -3.44 21.57
C VAL A 35 -4.81 -3.97 21.82
N VAL A 36 -4.06 -4.17 20.74
CA VAL A 36 -2.78 -4.82 20.81
C VAL A 36 -1.73 -3.78 20.46
N VAL A 37 -1.05 -3.26 21.49
CA VAL A 37 -0.01 -2.26 21.34
C VAL A 37 1.34 -2.95 21.41
N VAL A 38 2.15 -2.77 20.37
CA VAL A 38 3.56 -3.18 20.36
C VAL A 38 4.40 -1.94 20.17
N ASP A 39 5.23 -1.62 21.16
CA ASP A 39 5.98 -0.38 21.19
C ASP A 39 7.38 -0.61 20.65
N ASP A 40 7.82 0.24 19.73
CA ASP A 40 9.11 0.05 19.06
C ASP A 40 10.27 0.63 19.87
N CYS A 41 10.35 0.24 21.14
CA CYS A 41 11.43 0.64 22.04
C CYS A 41 11.50 2.18 22.16
N SER A 42 10.36 2.79 22.50
CA SER A 42 10.29 4.23 22.71
C SER A 42 11.17 4.68 23.88
N THR A 43 11.65 5.92 23.81
CA THR A 43 12.43 6.52 24.88
C THR A 43 11.66 7.59 25.66
N ASP A 44 10.36 7.73 25.41
CA ASP A 44 9.50 8.66 26.15
C ASP A 44 8.51 7.86 26.99
N GLN A 45 7.42 8.50 27.40
CA GLN A 45 6.47 7.83 28.29
C GLN A 45 5.23 7.33 27.54
N THR A 46 5.45 6.74 26.37
CA THR A 46 4.36 6.16 25.59
C THR A 46 3.68 5.03 26.37
N LEU A 47 4.47 4.07 26.86
CA LEU A 47 3.88 2.90 27.54
C LEU A 47 3.05 3.31 28.75
N GLN A 48 3.47 4.36 29.46
CA GLN A 48 2.81 4.75 30.71
C GLN A 48 1.45 5.36 30.41
N ILE A 49 1.36 6.16 29.33
CA ILE A 49 0.06 6.65 28.86
C ILE A 49 -0.83 5.49 28.43
N VAL A 50 -0.26 4.53 27.68
CA VAL A 50 -1.04 3.39 27.23
C VAL A 50 -1.65 2.66 28.42
N GLU A 51 -0.88 2.54 29.52
CA GLU A 51 -1.34 1.79 30.69
C GLU A 51 -2.54 2.45 31.36
N LYS A 52 -2.70 3.77 31.22
CA LYS A 52 -3.86 4.45 31.82
C LYS A 52 -5.18 3.90 31.31
N TYR A 53 -5.19 3.19 30.17
CA TYR A 53 -6.40 2.73 29.53
C TYR A 53 -6.70 1.25 29.76
N ARG A 54 -5.92 0.55 30.58
CA ARG A 54 -6.06 -0.89 30.73
C ARG A 54 -7.38 -1.30 31.38
N ASN A 55 -8.07 -0.37 32.03
CA ASN A 55 -9.41 -0.68 32.53
C ASN A 55 -10.50 -0.37 31.52
N LYS A 56 -10.31 0.64 30.67
CA LYS A 56 -11.32 0.97 29.65
C LYS A 56 -11.27 0.03 28.47
N LEU A 57 -10.17 -0.71 28.29
CA LEU A 57 -9.94 -1.53 27.10
C LEU A 57 -9.33 -2.86 27.48
N ASN A 58 -9.58 -3.88 26.66
CA ASN A 58 -8.82 -5.12 26.71
C ASN A 58 -7.50 -4.87 25.99
N LEU A 59 -6.44 -4.76 26.76
CA LEU A 59 -5.18 -4.20 26.30
C LEU A 59 -4.10 -5.26 26.43
N LYS A 60 -3.41 -5.55 25.33
CA LYS A 60 -2.14 -6.28 25.35
C LYS A 60 -1.04 -5.31 24.98
N VAL A 61 0.00 -5.25 25.83
CA VAL A 61 1.04 -4.22 25.73
C VAL A 61 2.40 -4.90 25.66
N SER A 62 3.12 -4.69 24.56
CA SER A 62 4.44 -5.28 24.35
C SER A 62 5.44 -4.20 23.94
N GLN A 63 6.72 -4.53 24.02
CA GLN A 63 7.76 -3.60 23.60
C GLN A 63 8.98 -4.36 23.13
N LEU A 64 9.47 -4.00 21.94
CA LEU A 64 10.62 -4.66 21.35
C LEU A 64 11.90 -4.29 22.10
N GLU A 65 12.88 -5.19 22.04
CA GLU A 65 14.15 -5.00 22.76
C GLU A 65 14.95 -3.83 22.19
N THR A 66 14.75 -3.51 20.92
CA THR A 66 15.47 -2.44 20.26
C THR A 66 14.60 -1.92 19.13
N ASN A 67 14.83 -0.67 18.74
CA ASN A 67 13.94 -0.04 17.77
C ASN A 67 14.12 -0.68 16.40
N SER A 68 13.02 -1.17 15.82
CA SER A 68 13.12 -1.82 14.52
C SER A 68 13.20 -0.83 13.38
N GLY A 69 12.91 0.45 13.63
CA GLY A 69 12.94 1.49 12.62
C GLY A 69 11.70 1.60 11.75
N GLY A 70 10.64 0.88 12.06
CA GLY A 70 9.44 0.93 11.25
C GLY A 70 8.34 0.09 11.82
N PRO A 71 7.12 0.24 11.28
CA PRO A 71 5.96 -0.43 11.87
C PRO A 71 5.86 -1.92 11.54
N GLY A 72 6.66 -2.44 10.62
CA GLY A 72 6.58 -3.82 10.18
C GLY A 72 6.72 -4.87 11.27
N LYS A 73 7.88 -4.91 11.92
CA LYS A 73 8.07 -5.86 13.02
C LYS A 73 7.09 -5.64 14.19
N PRO A 74 6.86 -4.40 14.67
CA PRO A 74 5.80 -4.21 15.68
C PRO A 74 4.47 -4.81 15.27
N ARG A 75 4.01 -4.53 14.05
CA ARG A 75 2.71 -5.04 13.63
C ARG A 75 2.71 -6.56 13.53
N ASN A 76 3.81 -7.15 13.05
CA ASN A 76 3.90 -8.60 12.99
C ASN A 76 3.83 -9.21 14.38
N VAL A 77 4.54 -8.62 15.34
CA VAL A 77 4.51 -9.15 16.70
C VAL A 77 3.09 -9.09 17.26
N ALA A 78 2.38 -7.98 16.98
CA ALA A 78 1.00 -7.85 17.41
C ALA A 78 0.09 -8.86 16.71
N LEU A 79 0.30 -9.05 15.40
CA LEU A 79 -0.57 -9.97 14.65
C LEU A 79 -0.47 -11.39 15.18
N LYS A 80 0.74 -11.81 15.58
CA LYS A 80 0.92 -13.12 16.22
C LYS A 80 0.18 -13.22 17.55
N GLN A 81 -0.04 -12.09 18.24
CA GLN A 81 -0.74 -12.09 19.51
C GLN A 81 -2.25 -11.94 19.37
N ALA A 82 -2.73 -11.49 18.21
CA ALA A 82 -4.14 -11.16 18.07
C ALA A 82 -5.00 -12.42 18.11
N GLU A 83 -6.09 -12.36 18.88
CA GLU A 83 -7.08 -13.42 18.91
C GLU A 83 -8.41 -12.98 18.34
N GLY A 84 -8.50 -11.75 17.84
CA GLY A 84 -9.70 -11.33 17.16
C GLY A 84 -9.95 -12.15 15.90
N GLU A 85 -11.25 -12.31 15.61
CA GLU A 85 -11.67 -12.87 14.33
C GLU A 85 -11.23 -12.00 13.16
N PHE A 86 -11.12 -10.67 13.38
CA PHE A 86 -10.59 -9.73 12.39
C PHE A 86 -9.60 -8.79 13.08
N VAL A 87 -8.69 -8.21 12.28
CA VAL A 87 -7.73 -7.23 12.77
C VAL A 87 -7.92 -5.91 12.02
N LEU A 88 -7.61 -4.81 12.71
CA LEU A 88 -7.62 -3.47 12.16
C LEU A 88 -6.33 -2.78 12.61
N PHE A 89 -5.51 -2.34 11.64
CA PHE A 89 -4.29 -1.61 11.98
C PHE A 89 -4.61 -0.13 12.05
N VAL A 90 -4.32 0.51 13.19
CA VAL A 90 -4.42 1.96 13.34
C VAL A 90 -3.07 2.47 13.82
N ASP A 91 -2.52 3.50 13.15
CA ASP A 91 -1.23 4.03 13.52
C ASP A 91 -1.37 4.95 14.72
N SER A 92 -0.25 5.13 15.43
CA SER A 92 -0.31 5.75 16.76
C SER A 92 -0.76 7.20 16.71
N ASP A 93 -0.60 7.86 15.56
CA ASP A 93 -0.96 9.26 15.42
C ASP A 93 -2.31 9.45 14.73
N ASP A 94 -3.04 8.36 14.49
CA ASP A 94 -4.35 8.45 13.85
C ASP A 94 -5.43 8.11 14.87
N TYR A 95 -6.69 8.14 14.41
CA TYR A 95 -7.82 7.80 15.27
C TYR A 95 -9.02 7.46 14.39
N ILE A 96 -10.03 6.83 15.01
CA ILE A 96 -11.15 6.25 14.28
C ILE A 96 -12.48 6.76 14.82
N ASN A 97 -13.50 6.63 13.98
CA ASN A 97 -14.87 6.99 14.29
C ASN A 97 -15.44 6.09 15.39
N LYS A 98 -16.23 6.69 16.29
CA LYS A 98 -16.81 5.95 17.41
C LYS A 98 -17.69 4.78 16.98
N GLU A 99 -18.24 4.81 15.77
CA GLU A 99 -19.09 3.74 15.28
C GLU A 99 -18.38 2.79 14.34
N THR A 100 -17.05 2.84 14.29
CA THR A 100 -16.32 2.05 13.31
C THR A 100 -16.55 0.56 13.54
N LEU A 101 -16.21 0.05 14.74
CA LEU A 101 -16.32 -1.39 14.96
C LEU A 101 -17.77 -1.86 14.87
N LYS A 102 -18.70 -1.07 15.41
CA LYS A 102 -20.12 -1.45 15.29
C LYS A 102 -20.53 -1.56 13.83
N ASP A 103 -20.21 -0.56 13.01
CA ASP A 103 -20.63 -0.60 11.62
C ASP A 103 -19.94 -1.75 10.88
N ALA A 104 -18.62 -1.89 11.07
CA ALA A 104 -17.87 -2.95 10.40
C ALA A 104 -18.40 -4.33 10.78
N ALA A 105 -18.70 -4.55 12.06
CA ALA A 105 -19.26 -5.81 12.52
C ALA A 105 -20.54 -6.13 11.78
N ALA A 106 -21.45 -5.15 11.70
CA ALA A 106 -22.74 -5.39 11.05
C ALA A 106 -22.52 -5.68 9.57
N PHE A 107 -21.68 -4.90 8.90
CA PHE A 107 -21.38 -5.15 7.50
C PHE A 107 -20.80 -6.54 7.28
N ILE A 108 -19.87 -6.95 8.15
CA ILE A 108 -19.26 -8.29 8.05
C ILE A 108 -20.31 -9.38 8.25
N ASP A 109 -21.16 -9.24 9.26
CA ASP A 109 -22.21 -10.22 9.47
C ASP A 109 -23.21 -10.27 8.31
N GLU A 110 -23.36 -9.18 7.56
CA GLU A 110 -24.22 -9.16 6.38
C GLU A 110 -23.54 -9.69 5.13
N HIS A 111 -22.20 -9.57 5.03
CA HIS A 111 -21.53 -9.82 3.76
C HIS A 111 -20.33 -10.76 3.82
N HIS A 112 -19.79 -11.06 5.01
CA HIS A 112 -18.73 -12.06 5.18
C HIS A 112 -17.45 -11.67 4.44
N SER A 113 -17.13 -10.38 4.49
CA SER A 113 -15.92 -9.87 3.83
C SER A 113 -14.69 -10.53 4.44
N ASP A 114 -13.67 -10.75 3.60
CA ASP A 114 -12.34 -11.14 4.04
C ASP A 114 -11.40 -9.95 4.16
N VAL A 115 -11.60 -8.93 3.34
CA VAL A 115 -10.90 -7.66 3.47
C VAL A 115 -11.97 -6.58 3.38
N LEU A 116 -11.93 -5.62 4.29
CA LEU A 116 -12.96 -4.59 4.33
C LEU A 116 -12.25 -3.25 4.37
N LEU A 117 -12.34 -2.51 3.27
CA LEU A 117 -11.86 -1.14 3.25
C LEU A 117 -12.87 -0.24 3.97
N ILE A 118 -12.36 0.73 4.70
CA ILE A 118 -13.22 1.66 5.44
C ILE A 118 -12.78 3.07 5.10
N LYS A 119 -13.77 3.92 4.85
CA LYS A 119 -13.50 5.22 4.27
C LYS A 119 -12.60 6.05 5.18
N MET A 120 -11.63 6.72 4.58
CA MET A 120 -10.64 7.51 5.28
C MET A 120 -10.96 8.99 5.16
N LYS A 121 -10.47 9.76 6.13
CA LYS A 121 -10.54 11.20 6.04
C LYS A 121 -9.24 11.81 6.56
N GLY A 122 -8.70 12.76 5.78
CA GLY A 122 -7.50 13.46 6.17
C GLY A 122 -7.81 14.62 7.09
N VAL A 123 -7.02 14.76 8.15
CA VAL A 123 -7.06 15.94 9.00
C VAL A 123 -5.71 16.64 8.87
N ASN A 124 -5.63 17.87 9.40
CA ASN A 124 -4.41 18.69 9.39
C ASN A 124 -3.71 18.72 8.03
N GLY A 125 -4.48 18.75 6.93
CA GLY A 125 -3.95 18.81 5.59
C GLY A 125 -3.62 17.48 4.95
N ARG A 126 -3.53 16.40 5.72
CA ARG A 126 -3.19 15.09 5.19
C ARG A 126 -4.26 14.62 4.19
N GLY A 127 -3.82 13.95 3.12
CA GLY A 127 -4.71 13.10 2.33
C GLY A 127 -4.04 11.75 2.21
N VAL A 128 -4.64 10.58 1.99
CA VAL A 128 -6.03 10.08 2.02
C VAL A 128 -6.53 9.90 0.58
N PRO A 129 -6.45 8.65 0.11
CA PRO A 129 -7.10 8.30 -1.16
C PRO A 129 -8.62 8.33 -1.03
N GLN A 130 -9.27 8.64 -2.14
CA GLN A 130 -10.70 8.87 -2.19
C GLN A 130 -11.43 8.15 -3.32
N SER A 131 -10.78 7.84 -4.44
CA SER A 131 -11.51 7.36 -5.61
C SER A 131 -12.21 6.03 -5.38
N MET A 132 -11.82 5.25 -4.36
CA MET A 132 -12.48 3.99 -4.08
C MET A 132 -13.51 4.09 -2.95
N PHE A 133 -13.75 5.28 -2.41
CA PHE A 133 -14.67 5.44 -1.28
C PHE A 133 -15.89 6.28 -1.63
N LYS A 134 -16.25 6.33 -2.91
CA LYS A 134 -17.42 7.09 -3.31
C LYS A 134 -18.72 6.34 -3.02
N GLU A 135 -18.65 5.04 -2.80
CA GLU A 135 -19.83 4.21 -2.60
C GLU A 135 -19.48 3.07 -1.66
N THR A 136 -20.49 2.55 -0.97
CA THR A 136 -20.37 1.31 -0.23
C THR A 136 -20.61 0.14 -1.16
N ALA A 137 -19.74 -0.87 -1.09
CA ALA A 137 -19.85 -1.99 -2.02
C ALA A 137 -19.58 -3.30 -1.29
N PRO A 138 -20.54 -4.23 -1.31
CA PRO A 138 -20.33 -5.52 -0.65
C PRO A 138 -19.28 -6.38 -1.32
N GLU A 139 -19.08 -6.26 -2.62
CA GLU A 139 -18.04 -7.04 -3.29
C GLU A 139 -17.41 -6.24 -4.39
N VAL A 140 -16.08 -6.08 -4.33
CA VAL A 140 -15.28 -5.47 -5.37
C VAL A 140 -14.12 -6.40 -5.73
N THR A 141 -13.54 -6.16 -6.91
CA THR A 141 -12.35 -6.88 -7.37
C THR A 141 -11.23 -5.90 -7.66
N LEU A 142 -10.04 -6.46 -7.91
CA LEU A 142 -8.92 -5.62 -8.32
C LEU A 142 -9.12 -4.97 -9.68
N LEU A 143 -10.05 -5.49 -10.48
CA LEU A 143 -10.26 -5.03 -11.85
C LEU A 143 -11.51 -4.17 -12.06
N ASN A 144 -12.50 -4.24 -11.18
CA ASN A 144 -13.70 -3.40 -11.38
C ASN A 144 -13.81 -2.29 -10.35
N SER A 145 -12.76 -2.08 -9.55
CA SER A 145 -12.74 -0.99 -8.57
C SER A 145 -11.35 -0.37 -8.51
N ARG A 146 -11.20 0.60 -7.61
CA ARG A 146 -9.96 1.37 -7.45
C ARG A 146 -9.16 0.95 -6.23
N ILE A 147 -9.44 -0.24 -5.68
CA ILE A 147 -8.79 -0.64 -4.43
C ILE A 147 -7.28 -0.75 -4.59
N ILE A 148 -6.80 -1.00 -5.81
CA ILE A 148 -5.34 -1.08 -5.98
C ILE A 148 -4.67 0.25 -5.73
N TYR A 149 -5.43 1.35 -5.72
CA TYR A 149 -4.93 2.69 -5.41
C TYR A 149 -4.85 3.00 -3.91
N THR A 150 -5.21 2.06 -3.03
CA THR A 150 -4.92 2.22 -1.59
C THR A 150 -4.38 0.91 -1.05
N LEU A 151 -3.11 0.91 -0.65
CA LEU A 151 -2.47 -0.31 -0.17
C LEU A 151 -1.95 -0.19 1.25
N SER A 152 -2.19 0.94 1.92
CA SER A 152 -1.89 1.03 3.34
C SER A 152 -2.66 -0.05 4.10
N PRO A 153 -2.22 -0.40 5.30
CA PRO A 153 -2.90 -1.46 6.06
C PRO A 153 -3.97 -0.94 7.00
N THR A 154 -4.39 0.30 6.81
CA THR A 154 -5.41 0.91 7.65
C THR A 154 -6.79 0.38 7.27
N LYS A 155 -6.92 -0.96 7.24
CA LYS A 155 -8.10 -1.66 6.73
C LYS A 155 -8.43 -2.79 7.70
N ILE A 156 -9.52 -3.51 7.44
CA ILE A 156 -9.93 -4.64 8.25
C ILE A 156 -9.67 -5.93 7.46
N TYR A 157 -8.95 -6.85 8.09
CA TYR A 157 -8.56 -8.11 7.48
C TYR A 157 -9.02 -9.26 8.37
N ARG A 158 -9.60 -10.28 7.75
CA ARG A 158 -9.90 -11.51 8.46
C ARG A 158 -8.61 -12.13 8.95
N THR A 159 -8.48 -12.28 10.27
CA THR A 159 -7.24 -12.78 10.86
C THR A 159 -6.81 -14.10 10.23
N ALA A 160 -7.77 -15.00 9.99
CA ALA A 160 -7.44 -16.29 9.40
C ALA A 160 -6.99 -16.14 7.96
N LEU A 161 -7.47 -15.12 7.23
CA LEU A 161 -6.95 -14.89 5.88
C LEU A 161 -5.45 -14.65 5.94
N LEU A 162 -5.00 -13.81 6.86
CA LEU A 162 -3.58 -13.48 6.96
C LEU A 162 -2.78 -14.70 7.38
N LYS A 163 -3.20 -15.35 8.47
CA LYS A 163 -2.37 -16.38 9.07
C LYS A 163 -2.36 -17.66 8.23
N ASP A 164 -3.50 -18.05 7.68
CA ASP A 164 -3.53 -19.26 6.90
C ASP A 164 -2.70 -19.15 5.62
N ASN A 165 -2.49 -17.94 5.12
CA ASN A 165 -1.72 -17.72 3.91
C ASN A 165 -0.37 -17.09 4.17
N ASP A 166 0.04 -16.99 5.44
CA ASP A 166 1.37 -16.54 5.81
C ASP A 166 1.61 -15.11 5.33
N ILE A 167 0.63 -14.25 5.54
CA ILE A 167 0.68 -12.87 5.07
C ILE A 167 1.16 -12.01 6.23
N TYR A 168 2.42 -11.58 6.17
CA TYR A 168 3.02 -10.73 7.20
C TYR A 168 3.73 -9.57 6.51
N PHE A 169 4.05 -8.54 7.30
CA PHE A 169 4.83 -7.42 6.78
C PHE A 169 6.28 -7.83 6.60
N PRO A 170 6.91 -7.50 5.47
CA PRO A 170 8.35 -7.76 5.36
C PRO A 170 9.12 -6.90 6.35
N GLU A 171 9.90 -7.55 7.21
CA GLU A 171 10.60 -6.83 8.26
C GLU A 171 11.94 -6.29 7.79
N GLU A 172 12.59 -7.01 6.88
CA GLU A 172 13.93 -6.64 6.43
C GLU A 172 13.90 -5.62 5.28
N LEU A 173 12.72 -5.25 4.78
CA LEU A 173 12.57 -4.26 3.72
C LEU A 173 11.75 -3.12 4.29
N LYS A 174 12.39 -1.98 4.53
CA LYS A 174 11.81 -0.91 5.32
C LYS A 174 10.99 0.08 4.50
N SER A 175 10.88 -0.12 3.19
CA SER A 175 10.20 0.80 2.29
C SER A 175 9.03 0.11 1.61
N ALA A 176 7.85 0.73 1.68
CA ALA A 176 6.64 0.28 1.01
C ALA A 176 6.22 -1.12 1.44
N GLU A 177 6.67 -1.58 2.61
CA GLU A 177 6.40 -2.96 3.03
C GLU A 177 4.90 -3.25 3.10
N ASP A 178 4.06 -2.25 3.39
CA ASP A 178 2.62 -2.50 3.46
C ASP A 178 2.00 -2.74 2.09
N GLN A 179 2.65 -2.29 1.02
CA GLN A 179 2.09 -2.54 -0.32
C GLN A 179 2.08 -4.04 -0.63
N LEU A 180 3.17 -4.75 -0.31
CA LEU A 180 3.18 -6.20 -0.48
C LEU A 180 2.17 -6.87 0.43
N PHE A 181 2.08 -6.43 1.68
CA PHE A 181 1.15 -7.02 2.64
C PHE A 181 -0.29 -6.94 2.14
N THR A 182 -0.73 -5.74 1.73
CA THR A 182 -2.13 -5.59 1.33
C THR A 182 -2.40 -6.20 -0.03
N MET A 183 -1.41 -6.17 -0.94
CA MET A 183 -1.56 -6.86 -2.22
C MET A 183 -1.80 -8.34 -2.00
N LYS A 184 -1.01 -8.97 -1.11
CA LYS A 184 -1.18 -10.39 -0.79
C LYS A 184 -2.56 -10.67 -0.23
N ALA A 185 -3.04 -9.81 0.66
CA ALA A 185 -4.39 -9.96 1.19
C ALA A 185 -5.42 -9.87 0.07
N TYR A 186 -5.36 -8.80 -0.73
CA TYR A 186 -6.25 -8.69 -1.88
C TYR A 186 -6.24 -9.96 -2.71
N LEU A 187 -5.06 -10.45 -3.06
CA LEU A 187 -4.98 -11.54 -4.02
C LEU A 187 -5.54 -12.84 -3.46
N ASN A 188 -5.41 -13.07 -2.15
CA ASN A 188 -5.93 -14.27 -1.51
C ASN A 188 -7.37 -14.15 -1.02
N ALA A 189 -7.90 -12.94 -0.92
CA ALA A 189 -9.25 -12.73 -0.39
C ALA A 189 -10.31 -13.30 -1.33
N ASN A 190 -11.26 -14.05 -0.76
CA ASN A 190 -12.42 -14.47 -1.53
C ASN A 190 -13.40 -13.33 -1.72
N ARG A 191 -13.45 -12.38 -0.79
CA ARG A 191 -14.34 -11.24 -0.94
C ARG A 191 -13.69 -10.01 -0.33
N ILE A 192 -13.70 -8.94 -1.10
CA ILE A 192 -13.19 -7.63 -0.71
C ILE A 192 -14.38 -6.68 -0.76
N SER A 193 -14.58 -5.90 0.30
CA SER A 193 -15.72 -5.01 0.42
C SER A 193 -15.24 -3.63 0.79
N VAL A 194 -16.10 -2.64 0.51
CA VAL A 194 -15.81 -1.23 0.77
C VAL A 194 -16.98 -0.67 1.53
N LEU A 195 -16.71 -0.09 2.69
CA LEU A 195 -17.71 0.55 3.55
C LEU A 195 -17.43 2.05 3.57
N SER A 196 -18.32 2.84 2.95
CA SER A 196 -18.10 4.27 2.81
C SER A 196 -19.21 5.11 3.42
N ASP A 197 -19.99 4.54 4.36
CA ASP A 197 -21.16 5.27 4.88
C ASP A 197 -20.75 6.52 5.64
N LYS A 198 -19.56 6.53 6.25
CA LYS A 198 -19.09 7.73 6.94
C LYS A 198 -17.58 7.69 6.97
N ALA A 199 -16.98 8.78 7.44
CA ALA A 199 -15.53 8.83 7.64
C ALA A 199 -15.19 7.98 8.86
N TYR A 200 -14.49 6.86 8.64
CA TYR A 200 -14.11 5.92 9.69
C TYR A 200 -12.68 6.08 10.19
N TYR A 201 -11.70 6.22 9.30
CA TYR A 201 -10.29 6.29 9.65
C TYR A 201 -9.81 7.72 9.46
N TYR A 202 -9.35 8.36 10.53
CA TYR A 202 -8.84 9.73 10.47
C TYR A 202 -7.32 9.67 10.47
N ALA A 203 -6.72 10.10 9.35
CA ALA A 203 -5.28 10.05 9.16
C ALA A 203 -4.66 11.42 9.46
N THR A 204 -3.56 11.41 10.19
CA THR A 204 -2.82 12.63 10.58
C THR A 204 -1.71 13.04 9.60
N VAL A 216 18.28 7.70 1.84
CA VAL A 216 18.06 6.25 1.84
C VAL A 216 17.99 5.70 0.42
N SER A 217 18.44 4.46 0.24
CA SER A 217 18.54 3.84 -1.09
C SER A 217 17.25 3.10 -1.53
N PRO A 218 17.09 2.88 -2.83
CA PRO A 218 15.88 2.24 -3.35
C PRO A 218 15.98 0.74 -3.62
N GLU A 219 17.02 0.07 -3.15
CA GLU A 219 17.12 -1.37 -3.33
C GLU A 219 15.95 -2.09 -2.66
N ASP A 220 15.68 -1.74 -1.40
CA ASP A 220 14.56 -2.36 -0.70
C ASP A 220 13.24 -2.04 -1.38
N PHE A 221 13.07 -0.79 -1.80
CA PHE A 221 11.82 -0.36 -2.42
C PHE A 221 11.50 -1.22 -3.64
N TYR A 222 12.45 -1.37 -4.55
CA TYR A 222 12.20 -2.10 -5.79
C TYR A 222 12.20 -3.61 -5.59
N GLU A 223 12.82 -4.12 -4.52
CA GLU A 223 12.62 -5.54 -4.19
C GLU A 223 11.17 -5.79 -3.77
N VAL A 224 10.57 -4.90 -2.98
CA VAL A 224 9.16 -5.04 -2.68
C VAL A 224 8.32 -5.02 -3.96
N MET A 225 8.61 -4.10 -4.89
CA MET A 225 7.85 -4.04 -6.13
C MET A 225 7.98 -5.33 -6.92
N ARG A 226 9.18 -5.90 -6.95
CA ARG A 226 9.38 -7.13 -7.69
C ARG A 226 8.62 -8.30 -7.04
N LEU A 227 8.63 -8.37 -5.71
CA LEU A 227 7.82 -9.34 -5.00
C LEU A 227 6.34 -9.17 -5.29
N ILE A 228 5.87 -7.92 -5.45
CA ILE A 228 4.46 -7.72 -5.81
C ILE A 228 4.17 -8.26 -7.20
N ALA A 229 5.09 -8.02 -8.14
CA ALA A 229 4.92 -8.55 -9.49
C ALA A 229 4.83 -10.08 -9.47
N VAL A 230 5.78 -10.73 -8.77
CA VAL A 230 5.76 -12.19 -8.64
C VAL A 230 4.46 -12.64 -7.97
N GLU A 231 4.00 -11.90 -6.97
CA GLU A 231 2.79 -12.31 -6.25
C GLU A 231 1.57 -12.27 -7.16
N ILE A 232 1.43 -11.20 -7.93
CA ILE A 232 0.31 -11.09 -8.88
C ILE A 232 0.37 -12.23 -9.89
N LEU A 233 1.55 -12.47 -10.48
CA LEU A 233 1.63 -13.45 -11.55
C LEU A 233 1.41 -14.88 -11.05
N ASN A 234 1.54 -15.11 -9.76
CA ASN A 234 1.44 -16.45 -9.21
C ASN A 234 0.10 -16.70 -8.55
N ALA A 235 -0.79 -15.72 -8.54
CA ALA A 235 -2.06 -15.84 -7.85
C ALA A 235 -2.95 -16.87 -8.54
N ASP A 236 -3.98 -17.28 -7.81
CA ASP A 236 -4.98 -18.22 -8.32
C ASP A 236 -6.10 -17.41 -9.01
N LEU A 237 -5.73 -16.83 -10.15
CA LEU A 237 -6.64 -16.01 -10.93
C LEU A 237 -6.43 -16.32 -12.40
N GLU A 238 -7.42 -15.95 -13.22
CA GLU A 238 -7.30 -16.13 -14.67
C GLU A 238 -6.08 -15.37 -15.20
N GLU A 239 -5.45 -15.96 -16.21
CA GLU A 239 -4.17 -15.43 -16.69
C GLU A 239 -4.34 -14.01 -17.22
N ALA A 240 -5.34 -13.77 -18.07
CA ALA A 240 -5.58 -12.41 -18.57
C ALA A 240 -5.83 -11.43 -17.43
N HIS A 241 -6.46 -11.88 -16.34
CA HIS A 241 -6.73 -11.02 -15.20
C HIS A 241 -5.45 -10.67 -14.43
N LYS A 242 -4.55 -11.64 -14.22
CA LYS A 242 -3.25 -11.31 -13.63
C LYS A 242 -2.54 -10.22 -14.43
N ASP A 243 -2.46 -10.39 -15.76
CA ASP A 243 -1.79 -9.40 -16.60
C ASP A 243 -2.44 -8.03 -16.45
N GLN A 244 -3.77 -7.97 -16.43
CA GLN A 244 -4.45 -6.69 -16.29
C GLN A 244 -4.17 -6.07 -14.92
N ILE A 245 -4.21 -6.88 -13.86
CA ILE A 245 -3.91 -6.38 -12.52
C ILE A 245 -2.49 -5.82 -12.48
N LEU A 246 -1.53 -6.56 -13.04
CA LEU A 246 -0.16 -6.08 -13.05
C LEU A 246 -0.05 -4.78 -13.82
N ALA A 247 -0.77 -4.67 -14.94
CA ALA A 247 -0.77 -3.43 -15.71
C ALA A 247 -1.32 -2.26 -14.89
N GLU A 248 -2.41 -2.49 -14.14
CA GLU A 248 -2.96 -1.43 -13.30
C GLU A 248 -1.98 -1.03 -12.20
N PHE A 249 -1.33 -2.01 -11.58
CA PHE A 249 -0.31 -1.70 -10.58
C PHE A 249 0.81 -0.86 -11.19
N LEU A 250 1.24 -1.20 -12.42
CA LEU A 250 2.28 -0.42 -13.07
C LEU A 250 1.81 0.99 -13.41
N ASN A 251 0.57 1.14 -13.90
CA ASN A 251 0.02 2.48 -14.15
C ASN A 251 0.12 3.36 -12.93
N ARG A 252 -0.33 2.86 -11.78
CA ARG A 252 -0.28 3.64 -10.56
C ARG A 252 1.16 3.89 -10.12
N HIS A 253 1.98 2.84 -10.14
CA HIS A 253 3.34 2.95 -9.63
C HIS A 253 4.13 4.02 -10.39
N PHE A 254 4.11 3.98 -11.73
CA PHE A 254 4.87 4.96 -12.51
C PHE A 254 4.25 6.36 -12.46
N SER A 255 2.94 6.46 -12.19
CA SER A 255 2.32 7.78 -12.14
C SER A 255 2.52 8.46 -10.79
N PHE A 256 2.58 7.71 -9.70
CA PHE A 256 2.50 8.32 -8.38
C PHE A 256 3.60 7.94 -7.41
N SER A 257 4.34 6.85 -7.63
CA SER A 257 5.40 6.49 -6.69
C SER A 257 6.64 7.36 -6.93
N ARG A 258 7.69 7.11 -6.12
CA ARG A 258 8.96 7.80 -6.26
C ARG A 258 9.63 7.51 -7.60
N THR A 259 9.16 6.47 -8.30
CA THR A 259 9.67 6.18 -9.63
C THR A 259 9.37 7.32 -10.61
N ASN A 260 8.26 8.01 -10.43
CA ASN A 260 7.86 9.05 -11.35
C ASN A 260 8.91 10.17 -11.38
N GLY A 261 9.56 10.36 -12.53
CA GLY A 261 10.47 11.48 -12.68
C GLY A 261 11.77 11.34 -11.90
N PHE A 262 12.13 10.13 -11.46
CA PHE A 262 13.35 9.97 -10.68
C PHE A 262 14.60 10.40 -11.45
N SER A 263 14.62 10.19 -12.77
CA SER A 263 15.79 10.59 -13.53
C SER A 263 15.92 12.10 -13.68
N LEU A 264 14.89 12.86 -13.32
CA LEU A 264 15.03 14.31 -13.25
C LEU A 264 15.38 14.81 -11.86
N LYS A 265 15.18 13.99 -10.82
CA LYS A 265 15.35 14.44 -9.43
C LYS A 265 16.56 13.84 -8.74
N VAL A 266 16.85 12.56 -8.98
CA VAL A 266 17.95 11.90 -8.29
C VAL A 266 19.27 12.43 -8.82
N LYS A 267 20.21 12.66 -7.91
CA LYS A 267 21.61 12.90 -8.26
C LYS A 267 22.05 11.94 -9.36
N LEU A 268 22.71 12.48 -10.40
CA LEU A 268 23.17 11.65 -11.52
C LEU A 268 24.02 10.47 -11.07
N GLU A 269 24.91 10.69 -10.10
CA GLU A 269 25.80 9.62 -9.63
C GLU A 269 25.04 8.44 -9.05
N GLU A 270 23.78 8.63 -8.66
CA GLU A 270 23.03 7.59 -7.99
C GLU A 270 21.98 6.94 -8.89
N GLN A 271 21.77 7.46 -10.09
CA GLN A 271 20.74 6.93 -10.98
C GLN A 271 21.05 5.52 -11.50
N PRO A 272 22.32 5.16 -11.79
CA PRO A 272 22.59 3.75 -12.14
C PRO A 272 22.07 2.76 -11.11
N GLN A 273 22.24 3.08 -9.82
CA GLN A 273 21.71 2.22 -8.77
C GLN A 273 20.18 2.16 -8.83
N TRP A 274 19.53 3.27 -9.15
CA TRP A 274 18.08 3.28 -9.33
C TRP A 274 17.66 2.44 -10.52
N ILE A 275 18.32 2.64 -11.66
CA ILE A 275 17.86 1.94 -12.85
C ILE A 275 18.11 0.45 -12.69
N ASN A 276 19.18 0.05 -11.99
CA ASN A 276 19.45 -1.37 -11.80
CA ASN A 276 19.45 -1.37 -11.80
C ASN A 276 18.37 -2.03 -10.94
N ALA A 277 17.97 -1.37 -9.85
CA ALA A 277 16.95 -1.92 -8.97
C ALA A 277 15.58 -1.87 -9.63
N LEU A 278 15.26 -0.76 -10.30
CA LEU A 278 14.01 -0.68 -11.07
C LEU A 278 13.99 -1.73 -12.20
N GLY A 279 15.13 -1.89 -12.89
CA GLY A 279 15.19 -2.89 -13.95
C GLY A 279 14.88 -4.30 -13.47
N ASP A 280 15.38 -4.67 -12.28
CA ASP A 280 15.10 -6.01 -11.74
C ASP A 280 13.61 -6.19 -11.45
N PHE A 281 12.95 -5.12 -10.99
CA PHE A 281 11.50 -5.12 -10.83
C PHE A 281 10.81 -5.32 -12.18
N ILE A 282 11.14 -4.48 -13.17
CA ILE A 282 10.42 -4.56 -14.43
C ILE A 282 10.77 -5.85 -15.16
N GLN A 283 11.97 -6.40 -14.93
CA GLN A 283 12.30 -7.64 -15.63
C GLN A 283 11.46 -8.83 -15.16
N ALA A 284 10.83 -8.71 -13.99
CA ALA A 284 9.85 -9.71 -13.58
C ALA A 284 8.48 -9.48 -14.20
N VAL A 285 8.28 -8.40 -14.94
CA VAL A 285 7.04 -8.16 -15.66
C VAL A 285 7.23 -8.70 -17.08
N PRO A 286 6.49 -9.73 -17.48
CA PRO A 286 6.58 -10.19 -18.88
C PRO A 286 6.27 -9.04 -19.84
N GLU A 287 6.99 -9.02 -20.95
CA GLU A 287 6.87 -7.93 -21.92
C GLU A 287 5.47 -7.84 -22.52
N ARG A 288 4.74 -8.96 -22.63
CA ARG A 288 3.36 -8.89 -23.12
C ARG A 288 2.51 -7.92 -22.30
N VAL A 289 2.92 -7.60 -21.08
CA VAL A 289 2.07 -6.76 -20.24
C VAL A 289 2.21 -5.30 -20.67
N ASP A 290 3.35 -4.93 -21.28
CA ASP A 290 3.57 -3.53 -21.69
C ASP A 290 2.43 -3.02 -22.59
N ALA A 291 1.85 -3.89 -23.42
CA ALA A 291 0.75 -3.48 -24.29
C ALA A 291 -0.48 -3.05 -23.50
N LEU A 292 -0.58 -3.45 -22.24
CA LEU A 292 -1.76 -3.19 -21.41
C LEU A 292 -1.65 -1.90 -20.62
N VAL A 293 -0.44 -1.38 -20.46
CA VAL A 293 -0.18 -0.21 -19.66
C VAL A 293 -0.45 1.06 -20.48
N MET A 294 -0.74 2.17 -19.78
CA MET A 294 -0.83 3.47 -20.44
C MET A 294 0.34 3.67 -21.39
N SER A 295 0.04 4.14 -22.61
CA SER A 295 1.02 4.13 -23.68
C SER A 295 2.28 4.94 -23.32
N LYS A 296 2.13 6.05 -22.58
CA LYS A 296 3.29 6.89 -22.30
C LYS A 296 4.35 6.14 -21.50
N LEU A 297 3.94 5.11 -20.74
CA LEU A 297 4.87 4.37 -19.91
C LEU A 297 5.66 3.31 -20.67
N ARG A 298 5.24 2.95 -21.89
CA ARG A 298 5.90 1.87 -22.62
C ARG A 298 7.39 2.12 -22.88
N PRO A 299 7.83 3.31 -23.32
CA PRO A 299 9.29 3.52 -23.45
C PRO A 299 10.02 3.39 -22.14
N LEU A 300 9.37 3.76 -21.03
CA LEU A 300 10.01 3.65 -19.72
C LEU A 300 10.16 2.20 -19.30
N LEU A 301 9.14 1.39 -19.53
CA LEU A 301 9.28 -0.05 -19.27
C LEU A 301 10.39 -0.64 -20.11
N HIS A 302 10.45 -0.26 -21.38
CA HIS A 302 11.48 -0.77 -22.28
C HIS A 302 12.89 -0.44 -21.75
N TYR A 303 13.15 0.83 -21.44
CA TYR A 303 14.54 1.16 -21.06
C TYR A 303 14.87 0.73 -19.64
N ALA A 304 13.87 0.53 -18.77
CA ALA A 304 14.13 -0.03 -17.44
C ALA A 304 14.59 -1.48 -17.54
N ARG A 305 13.90 -2.28 -18.36
CA ARG A 305 14.31 -3.68 -18.57
C ARG A 305 15.73 -3.77 -19.07
N ALA A 306 16.08 -2.91 -20.03
CA ALA A 306 17.43 -2.86 -20.55
C ALA A 306 18.40 -2.19 -19.59
N LYS A 307 17.92 -1.68 -18.45
CA LYS A 307 18.77 -0.94 -17.50
C LYS A 307 19.62 0.12 -18.22
N ASP A 308 18.95 0.96 -19.01
CA ASP A 308 19.67 1.97 -19.80
C ASP A 308 19.19 3.34 -19.29
N ILE A 309 20.01 3.96 -18.42
CA ILE A 309 19.57 5.15 -17.71
C ILE A 309 19.61 6.35 -18.65
N ASP A 310 20.56 6.38 -19.57
CA ASP A 310 20.67 7.53 -20.46
C ASP A 310 19.42 7.69 -21.33
N ASN A 311 18.94 6.59 -21.92
CA ASN A 311 17.73 6.67 -22.73
C ASN A 311 16.49 6.84 -21.86
N TYR A 312 16.46 6.21 -20.69
CA TYR A 312 15.35 6.41 -19.78
C TYR A 312 15.24 7.89 -19.42
N ARG A 313 16.36 8.53 -19.12
CA ARG A 313 16.34 9.93 -18.72
C ARG A 313 15.96 10.83 -19.90
N THR A 314 16.38 10.49 -21.11
CA THR A 314 15.97 11.27 -22.26
C THR A 314 14.47 11.23 -22.42
N VAL A 315 13.84 10.07 -22.21
CA VAL A 315 12.38 9.96 -22.33
C VAL A 315 11.70 10.90 -21.34
N GLU A 316 12.10 10.82 -20.06
CA GLU A 316 11.51 11.68 -19.04
C GLU A 316 11.74 13.15 -19.35
N GLU A 317 12.96 13.49 -19.78
CA GLU A 317 13.25 14.88 -20.13
C GLU A 317 12.47 15.32 -21.37
N SER A 318 12.27 14.42 -22.32
CA SER A 318 11.50 14.76 -23.52
C SER A 318 10.04 15.03 -23.17
N TYR A 319 9.42 14.12 -22.41
CA TYR A 319 8.07 14.36 -21.91
C TYR A 319 7.95 15.72 -21.24
N ARG A 320 8.90 16.03 -20.35
CA ARG A 320 8.76 17.18 -19.48
C ARG A 320 8.96 18.50 -20.24
N GLN A 321 9.71 18.47 -21.34
CA GLN A 321 9.95 19.69 -22.09
C GLN A 321 9.30 19.69 -23.46
N GLY A 322 8.63 18.61 -23.86
CA GLY A 322 7.91 18.60 -25.12
C GLY A 322 8.77 18.45 -26.36
N GLN A 323 10.07 18.21 -26.20
CA GLN A 323 10.99 18.05 -27.32
C GLN A 323 11.25 16.57 -27.55
N TYR A 324 11.17 16.15 -28.81
CA TYR A 324 11.44 14.77 -29.17
C TYR A 324 12.41 14.70 -30.33
N TYR A 325 13.27 13.68 -30.33
CA TYR A 325 14.27 13.54 -31.37
C TYR A 325 13.63 13.40 -32.75
N ARG A 326 12.62 12.54 -32.86
CA ARG A 326 11.86 12.42 -34.10
C ARG A 326 10.46 11.94 -33.75
N PHE A 327 9.44 12.58 -34.34
CA PHE A 327 8.07 12.18 -34.03
C PHE A 327 7.12 12.65 -35.12
N ASP A 328 6.01 11.93 -35.27
CA ASP A 328 4.84 12.41 -36.01
C ASP A 328 3.60 12.14 -35.16
N ILE A 329 2.44 12.60 -35.65
CA ILE A 329 1.17 12.48 -34.94
C ILE A 329 0.19 11.76 -35.85
N VAL A 330 -0.42 10.70 -35.34
CA VAL A 330 -1.45 9.95 -36.07
C VAL A 330 -2.71 9.94 -35.20
N ASP A 331 -3.77 10.60 -35.68
CA ASP A 331 -5.04 10.67 -34.97
C ASP A 331 -4.85 10.94 -33.47
N GLY A 332 -4.21 12.08 -33.17
CA GLY A 332 -4.05 12.51 -31.80
C GLY A 332 -2.96 11.84 -30.99
N LYS A 333 -2.35 10.76 -31.48
CA LYS A 333 -1.29 10.09 -30.73
C LYS A 333 0.03 10.20 -31.48
N LEU A 334 1.12 10.20 -30.71
CA LEU A 334 2.46 10.40 -31.24
C LEU A 334 3.17 9.09 -31.46
N ASN A 335 3.94 9.03 -32.55
CA ASN A 335 4.96 8.00 -32.75
C ASN A 335 6.30 8.68 -32.50
N ILE A 336 7.01 8.23 -31.46
CA ILE A 336 8.20 8.93 -30.96
C ILE A 336 9.42 8.02 -31.05
N GLN A 337 10.47 8.52 -31.67
CA GLN A 337 11.82 7.99 -31.52
C GLN A 337 12.57 8.96 -30.61
N PHE A 338 13.06 8.46 -29.48
CA PHE A 338 13.56 9.38 -28.48
C PHE A 338 15.01 9.75 -28.70
N ASN A 339 15.75 8.93 -29.45
CA ASN A 339 17.16 9.17 -29.72
C ASN A 339 17.55 8.47 -31.00
N GLU A 340 18.70 8.85 -31.54
CA GLU A 340 19.17 8.28 -32.80
C GLU A 340 19.45 6.78 -32.64
N GLY A 341 18.97 5.99 -33.59
CA GLY A 341 19.20 4.56 -33.56
C GLY A 341 18.25 3.77 -32.69
N GLU A 342 17.44 4.44 -31.88
CA GLU A 342 16.54 3.76 -30.97
C GLU A 342 15.24 3.34 -31.66
N PRO A 343 14.53 2.36 -31.10
CA PRO A 343 13.21 2.00 -31.65
C PRO A 343 12.21 3.14 -31.59
N TYR A 344 11.28 3.13 -32.55
CA TYR A 344 10.09 3.97 -32.48
C TYR A 344 9.05 3.37 -31.52
N PHE A 345 8.48 4.22 -30.68
CA PHE A 345 7.35 3.84 -29.84
C PHE A 345 6.09 4.49 -30.40
N GLU A 346 5.04 3.70 -30.60
CA GLU A 346 3.89 4.12 -31.39
C GLU A 346 2.66 4.31 -30.52
N GLY A 347 1.79 5.19 -30.99
CA GLY A 347 0.48 5.38 -30.37
C GLY A 347 0.53 5.90 -28.95
N ILE A 348 1.46 6.82 -28.68
CA ILE A 348 1.64 7.34 -27.34
C ILE A 348 0.78 8.58 -27.17
N ASP A 349 -0.09 8.55 -26.18
CA ASP A 349 -0.97 9.68 -25.91
C ASP A 349 -0.22 10.82 -25.22
N1 UDP B . 6.65 3.42 14.14
C2 UDP B . 7.25 2.26 14.59
N3 UDP B . 8.62 2.18 14.63
C4 UDP B . 9.38 3.26 14.21
C5 UDP B . 8.75 4.42 13.75
C6 UDP B . 7.37 4.40 13.52
O2 UDP B . 6.54 1.32 14.96
O4 UDP B . 10.61 3.18 14.26
C1' UDP B . 5.19 3.41 14.11
C2' UDP B . 4.55 4.74 14.43
O2' UDP B . 4.20 4.83 15.79
C3' UDP B . 3.33 4.68 13.54
C4' UDP B . 3.77 3.82 12.34
O4' UDP B . 4.85 3.04 12.79
O3' UDP B . 2.25 4.06 14.21
C5' UDP B . 4.29 4.67 11.19
O5' UDP B . 3.47 5.78 11.30
PA UDP B . 3.90 7.32 11.16
O1A UDP B . 5.09 7.76 11.92
O2A UDP B . 2.69 8.03 11.65
O3A UDP B . 4.10 7.43 9.58
PB UDP B . 3.37 8.54 8.66
O1B UDP B . 2.27 9.20 9.38
O2B UDP B . 4.40 9.55 8.32
O3B UDP B . 2.85 7.85 7.46
MN MN C . 0.90 8.58 10.87
S SO4 D . -7.16 8.45 -5.19
O1 SO4 D . -7.69 7.13 -4.89
O2 SO4 D . -5.78 8.60 -4.76
O3 SO4 D . -7.22 8.60 -6.63
O4 SO4 D . -7.94 9.47 -4.48
S SO4 E . 6.26 5.50 -2.91
O1 SO4 E . 6.77 5.33 -1.54
O2 SO4 E . 5.46 4.31 -3.27
O3 SO4 E . 7.41 5.65 -3.80
O4 SO4 E . 5.48 6.72 -2.99
S SO4 F . -18.01 -14.63 9.24
O1 SO4 F . -18.34 -16.01 9.59
O2 SO4 F . -16.82 -14.26 10.00
O3 SO4 F . -17.74 -14.50 7.81
O4 SO4 F . -19.12 -13.74 9.60
S SO4 G . -1.21 3.58 -0.44
O1 SO4 G . -2.39 3.65 0.44
O2 SO4 G . -0.10 2.83 0.17
O3 SO4 G . -1.59 2.91 -1.69
O4 SO4 G . -0.77 4.94 -0.73
#